data_4HA6
#
_entry.id   4HA6
#
_cell.length_a   62.489
_cell.length_b   79.169
_cell.length_c   135.219
_cell.angle_alpha   90.00
_cell.angle_beta   90.00
_cell.angle_gamma   90.00
#
_symmetry.space_group_name_H-M   'P 21 21 21'
#
loop_
_entity.id
_entity.type
_entity.pdbx_description
1 polymer 'Pyridoxine 4-oxidase'
2 non-polymer 'FLAVIN-ADENINE DINUCLEOTIDE'
3 non-polymer GLYCEROL
4 non-polymer 4-(AMINOMETHYL)-5-(HYDROXYMETHYL)-2-METHYLPYRIDIN-3-OL
5 water water
#
_entity_poly.entity_id   1
_entity_poly.type   'polypeptide(L)'
_entity_poly.pdbx_seq_one_letter_code
;NCDIVIVGGGSAGSLLAARLSEDPDSRVLLIEAGEEPTDPDIWNPAAWPALQGRSYDWDYRTEAQAGTAGRAHHWARGRL
IGGSS(CME)LHAMGYMRGHPSDFQAWVDASGDRRWGWDELLPVFQAIEDHPLGGDGIHGKGGPLPIHLPADEVSPLARA
FIEAGASLGLPRLEGHNSGEMIGVTPNSLNIRDGRRVTAADAWLTKAVRGRKNLTILTGSRVRRLKLEGNQVRSLEVVGR
QGSAEVFADQIVLCAGALESPALLMRSGIGPHDVLDAAGVG(CME)LIDMPDIGRNLQDHLLGAGNLYAARKPVPPSRLQ
HSESMAYMRADSFTAAGQPEIVVGCGVAPIVSESFPAPAAGSAYSLLFGITHPTSRGSVRISGPELGDRLIIDPAYLQTG
RDRERFRRALEASRTIGHRDELAGWRERELLPGTPNSAAEMDDFIARSVITHHHPCGTCRMGKDPDAVVDANLRLKALDN
LFVVDASIMPNLTAGPIHAAVLAIAETFARQYHHHH
;
_entity_poly.pdbx_strand_id   A
#
loop_
_chem_comp.id
_chem_comp.type
_chem_comp.name
_chem_comp.formula
FAD non-polymer 'FLAVIN-ADENINE DINUCLEOTIDE' 'C27 H33 N9 O15 P2'
GOL non-polymer GLYCEROL 'C3 H8 O3'
PXM non-polymer 4-(AMINOMETHYL)-5-(HYDROXYMETHYL)-2-METHYLPYRIDIN-3-OL 'C8 H12 N2 O2'
#
# COMPACT_ATOMS: atom_id res chain seq x y z
N ASN A 1 15.74 19.47 11.72
CA ASN A 1 16.73 20.37 11.15
C ASN A 1 18.02 19.65 10.75
N CYS A 2 19.04 19.75 11.61
CA CYS A 2 20.42 19.39 11.28
C CYS A 2 20.74 17.88 11.36
N ASP A 3 20.15 17.19 12.31
CA ASP A 3 20.53 15.80 12.55
C ASP A 3 19.95 14.86 11.50
N ILE A 4 18.62 14.88 11.33
CA ILE A 4 17.97 13.97 10.38
C ILE A 4 16.96 14.69 9.51
N VAL A 5 17.00 14.42 8.21
CA VAL A 5 15.98 14.92 7.31
C VAL A 5 15.15 13.77 6.77
N ILE A 6 13.83 13.88 6.90
CA ILE A 6 12.89 12.90 6.35
C ILE A 6 12.24 13.45 5.08
N VAL A 7 12.39 12.71 3.98
CA VAL A 7 11.85 13.16 2.70
C VAL A 7 10.52 12.45 2.42
N GLY A 8 9.43 13.21 2.47
CA GLY A 8 8.12 12.63 2.26
C GLY A 8 7.34 12.45 3.55
N GLY A 9 6.25 13.22 3.71
CA GLY A 9 5.42 13.18 4.91
C GLY A 9 4.18 12.32 4.76
N GLY A 10 4.35 11.09 4.30
CA GLY A 10 3.22 10.20 4.05
C GLY A 10 3.02 9.26 5.24
N SER A 11 2.73 8.00 4.98
CA SER A 11 2.48 7.08 6.10
C SER A 11 3.73 6.87 6.94
N ALA A 12 4.79 6.40 6.30
CA ALA A 12 6.08 6.15 6.96
C ALA A 12 6.73 7.43 7.48
N GLY A 13 6.66 8.49 6.67
CA GLY A 13 7.23 9.77 7.06
C GLY A 13 6.54 10.38 8.27
N SER A 14 5.21 10.31 8.32
CA SER A 14 4.49 10.90 9.46
C SER A 14 4.89 10.20 10.75
N LEU A 15 4.96 8.86 10.71
CA LEU A 15 5.38 8.06 11.86
C LEU A 15 6.80 8.38 12.31
N LEU A 16 7.67 8.59 11.34
CA LEU A 16 9.08 8.81 11.65
C LEU A 16 9.31 10.20 12.24
N ALA A 17 8.73 11.21 11.61
CA ALA A 17 8.79 12.58 12.14
C ALA A 17 8.44 12.60 13.64
N ALA A 18 7.35 11.94 14.00
CA ALA A 18 6.97 11.81 15.40
C ALA A 18 8.02 11.02 16.20
N ARG A 19 8.34 9.81 15.75
CA ARG A 19 9.14 8.89 16.56
C ARG A 19 10.61 9.33 16.73
N LEU A 20 11.23 9.79 15.65
CA LEU A 20 12.61 10.26 15.73
C LEU A 20 12.73 11.46 16.66
N SER A 21 11.76 12.38 16.58
CA SER A 21 11.83 13.61 17.38
C SER A 21 11.51 13.39 18.87
N GLU A 22 11.12 12.17 19.24
CA GLU A 22 10.98 11.82 20.65
C GLU A 22 12.32 11.95 21.41
N ASP A 23 13.41 11.84 20.67
CA ASP A 23 14.75 12.16 21.20
C ASP A 23 14.97 13.67 21.18
N PRO A 24 14.98 14.28 22.37
CA PRO A 24 15.14 15.74 22.44
C PRO A 24 16.51 16.20 21.92
N ASP A 25 17.46 15.29 21.79
CA ASP A 25 18.80 15.65 21.33
C ASP A 25 18.89 15.50 19.81
N SER A 26 17.79 15.09 19.20
CA SER A 26 17.73 14.92 17.76
CA SER A 26 17.73 14.91 17.75
C SER A 26 16.96 16.07 17.11
N ARG A 27 17.54 16.64 16.07
CA ARG A 27 16.87 17.70 15.32
C ARG A 27 16.32 17.08 14.04
N VAL A 28 15.00 17.14 13.87
CA VAL A 28 14.33 16.44 12.79
C VAL A 28 13.61 17.41 11.86
N LEU A 29 13.89 17.31 10.56
CA LEU A 29 13.17 18.09 9.55
C LEU A 29 12.37 17.16 8.64
N LEU A 30 11.08 17.46 8.49
CA LEU A 30 10.23 16.69 7.59
C LEU A 30 9.91 17.52 6.34
N ILE A 31 10.21 16.98 5.17
CA ILE A 31 9.97 17.72 3.91
C ILE A 31 8.89 17.04 3.07
N GLU A 32 7.75 17.72 2.92
CA GLU A 32 6.60 17.17 2.21
C GLU A 32 6.25 17.96 0.95
N ALA A 33 6.08 17.26 -0.16
CA ALA A 33 5.74 17.91 -1.42
C ALA A 33 4.36 18.58 -1.39
N GLY A 34 3.42 17.99 -0.67
CA GLY A 34 2.06 18.50 -0.67
C GLY A 34 1.80 19.55 0.39
N GLU A 35 0.53 19.95 0.51
CA GLU A 35 0.12 20.94 1.51
C GLU A 35 -0.50 20.23 2.71
N GLU A 36 -0.83 20.98 3.75
CA GLU A 36 -1.59 20.41 4.85
C GLU A 36 -3.02 20.21 4.36
N PRO A 37 -3.75 19.25 4.96
CA PRO A 37 -5.11 18.98 4.48
C PRO A 37 -6.09 20.11 4.87
N THR A 38 -7.07 20.38 4.02
CA THR A 38 -8.16 21.32 4.34
C THR A 38 -9.52 20.76 3.88
N ASP A 39 -9.47 19.86 2.89
CA ASP A 39 -10.66 19.21 2.35
C ASP A 39 -11.29 18.30 3.40
N PRO A 40 -12.54 18.58 3.81
CA PRO A 40 -13.23 17.84 4.87
C PRO A 40 -13.67 16.44 4.43
N ASP A 41 -13.87 16.24 3.13
CA ASP A 41 -14.22 14.93 2.59
C ASP A 41 -13.19 13.85 2.96
N ILE A 42 -11.94 14.28 3.19
CA ILE A 42 -10.83 13.39 3.52
C ILE A 42 -11.11 12.49 4.74
N TRP A 43 -11.83 13.02 5.74
CA TRP A 43 -12.09 12.29 6.98
C TRP A 43 -13.40 11.52 6.98
N ASN A 44 -14.17 11.70 5.91
CA ASN A 44 -15.39 10.94 5.67
C ASN A 44 -15.02 9.63 4.97
N PRO A 45 -15.10 8.50 5.72
CA PRO A 45 -14.67 7.18 5.21
C PRO A 45 -15.32 6.79 3.88
N ALA A 46 -16.61 7.12 3.76
CA ALA A 46 -17.43 6.80 2.59
C ALA A 46 -17.14 7.70 1.37
N ALA A 47 -16.25 8.66 1.54
CA ALA A 47 -15.93 9.59 0.45
C ALA A 47 -14.60 9.28 -0.24
N TRP A 48 -13.90 8.25 0.23
CA TRP A 48 -12.55 7.92 -0.28
C TRP A 48 -12.38 7.84 -1.82
N PRO A 49 -13.34 7.23 -2.54
CA PRO A 49 -13.14 7.20 -4.00
C PRO A 49 -13.24 8.57 -4.66
N ALA A 50 -14.11 9.45 -4.15
CA ALA A 50 -14.28 10.80 -4.72
C ALA A 50 -13.01 11.64 -4.57
N LEU A 51 -12.18 11.28 -3.59
CA LEU A 51 -10.89 11.94 -3.36
C LEU A 51 -9.94 11.89 -4.56
N GLN A 52 -10.06 10.83 -5.37
CA GLN A 52 -9.17 10.64 -6.52
C GLN A 52 -9.39 11.70 -7.60
N GLY A 53 -8.30 12.11 -8.27
CA GLY A 53 -8.38 13.13 -9.31
C GLY A 53 -8.43 14.56 -8.75
N ARG A 54 -8.45 14.68 -7.42
CA ARG A 54 -8.38 15.99 -6.79
C ARG A 54 -6.95 16.51 -6.73
N SER A 55 -6.78 17.71 -6.18
CA SER A 55 -5.51 18.44 -6.21
C SER A 55 -4.32 17.74 -5.53
N TYR A 56 -4.60 16.99 -4.46
CA TYR A 56 -3.56 16.35 -3.64
C TYR A 56 -3.34 14.88 -4.00
N ASP A 57 -3.64 14.52 -5.25
CA ASP A 57 -3.48 13.16 -5.76
C ASP A 57 -2.54 13.23 -6.97
N TRP A 58 -1.43 12.51 -6.91
CA TRP A 58 -0.40 12.51 -7.96
C TRP A 58 -0.96 12.02 -9.31
N ASP A 59 -1.81 11.01 -9.26
CA ASP A 59 -2.49 10.48 -10.45
C ASP A 59 -1.52 10.04 -11.57
N TYR A 60 -0.67 9.05 -11.27
CA TYR A 60 0.28 8.53 -12.26
C TYR A 60 -0.46 7.68 -13.28
N ARG A 61 0.11 7.54 -14.47
CA ARG A 61 -0.47 6.72 -15.51
C ARG A 61 0.55 5.64 -15.92
N THR A 62 0.18 4.36 -15.82
CA THR A 62 1.14 3.32 -16.20
C THR A 62 1.22 3.20 -17.72
N GLU A 63 2.29 2.57 -18.22
CA GLU A 63 2.31 2.12 -19.62
C GLU A 63 1.10 1.21 -19.91
N ALA A 64 0.73 1.10 -21.19
CA ALA A 64 -0.24 0.09 -21.62
C ALA A 64 0.22 -1.30 -21.17
N GLN A 65 -0.70 -2.13 -20.66
CA GLN A 65 -0.33 -3.47 -20.20
C GLN A 65 -0.86 -4.60 -21.09
N ALA A 66 0.06 -5.30 -21.76
CA ALA A 66 -0.27 -6.41 -22.65
C ALA A 66 -1.07 -7.50 -21.93
N GLY A 67 -0.78 -7.68 -20.65
CA GLY A 67 -1.48 -8.68 -19.85
C GLY A 67 -2.85 -8.24 -19.37
N THR A 68 -3.18 -6.95 -19.52
CA THR A 68 -4.55 -6.50 -19.19
C THR A 68 -5.19 -5.85 -20.39
N ALA A 69 -5.23 -6.60 -21.50
CA ALA A 69 -5.89 -6.18 -22.75
C ALA A 69 -5.36 -4.85 -23.27
N GLY A 70 -4.07 -4.59 -23.07
CA GLY A 70 -3.48 -3.34 -23.52
C GLY A 70 -3.92 -2.10 -22.77
N ARG A 71 -4.65 -2.28 -21.66
CA ARG A 71 -5.11 -1.14 -20.85
C ARG A 71 -3.96 -0.48 -20.08
N ALA A 72 -3.98 0.85 -20.05
CA ALA A 72 -3.10 1.64 -19.20
C ALA A 72 -3.90 1.93 -17.93
N HIS A 73 -3.21 2.09 -16.81
CA HIS A 73 -3.91 2.19 -15.54
C HIS A 73 -3.60 3.50 -14.83
N HIS A 74 -4.54 3.99 -14.05
CA HIS A 74 -4.30 5.20 -13.27
C HIS A 74 -3.92 4.83 -11.85
N TRP A 75 -2.82 5.40 -11.35
CA TRP A 75 -2.36 5.10 -9.99
C TRP A 75 -2.46 6.32 -9.08
N ALA A 76 -3.53 6.38 -8.30
CA ALA A 76 -3.72 7.47 -7.33
C ALA A 76 -2.66 7.42 -6.24
N ARG A 77 -2.10 8.57 -5.88
CA ARG A 77 -1.13 8.63 -4.78
C ARG A 77 -1.29 9.92 -3.97
N GLY A 78 -1.21 9.82 -2.66
CA GLY A 78 -1.30 11.00 -1.80
C GLY A 78 -0.17 12.01 -2.00
N ARG A 79 -0.55 13.28 -2.19
CA ARG A 79 0.40 14.40 -2.25
C ARG A 79 -0.01 15.51 -1.26
N LEU A 80 0.26 15.27 0.02
CA LEU A 80 -0.13 16.15 1.13
C LEU A 80 0.33 15.46 2.41
N ILE A 81 0.32 16.21 3.51
CA ILE A 81 0.72 15.65 4.80
C ILE A 81 -0.17 14.45 5.10
N GLY A 82 0.44 13.29 5.28
CA GLY A 82 -0.32 12.06 5.49
C GLY A 82 -0.25 11.13 4.29
N GLY A 83 0.11 11.70 3.14
CA GLY A 83 0.37 10.90 1.95
C GLY A 83 -0.82 10.08 1.44
N SER A 84 -0.56 8.80 1.15
CA SER A 84 -1.58 7.91 0.57
C SER A 84 -2.58 7.50 1.63
N SER A 85 -2.19 7.74 2.89
CA SER A 85 -3.05 7.48 4.05
C SER A 85 -4.29 8.39 4.02
N CME A 86 -4.19 9.53 3.32
CA CME A 86 -5.35 10.46 3.18
CB CME A 86 -4.97 11.86 2.70
SG CME A 86 -3.52 12.47 3.61
SD CME A 86 -3.80 12.28 5.62
CE CME A 86 -4.57 13.83 6.20
CZ CME A 86 -4.56 13.80 7.73
OH CME A 86 -5.10 14.99 8.28
C CME A 86 -6.43 9.90 2.21
O CME A 86 -7.61 10.21 2.32
N LEU A 87 -5.94 9.08 1.28
CA LEU A 87 -6.70 8.56 0.14
C LEU A 87 -7.16 7.11 0.34
N HIS A 88 -6.59 6.47 1.37
CA HIS A 88 -6.94 5.13 1.89
C HIS A 88 -8.35 4.59 1.66
N ALA A 89 -8.46 3.27 1.60
CA ALA A 89 -9.74 2.62 1.88
C ALA A 89 -9.78 2.29 3.39
N MET A 90 -8.74 2.74 4.10
CA MET A 90 -8.54 2.55 5.54
C MET A 90 -8.61 1.11 6.10
N GLY A 91 -8.43 0.11 5.23
CA GLY A 91 -8.36 -1.27 5.69
C GLY A 91 -7.05 -1.47 6.43
N TYR A 92 -7.10 -2.22 7.53
CA TYR A 92 -5.88 -2.55 8.28
C TYR A 92 -5.66 -4.07 8.28
N MET A 93 -4.65 -4.52 7.53
CA MET A 93 -4.30 -5.93 7.43
C MET A 93 -2.80 -6.06 7.65
N ARG A 94 -2.37 -6.70 8.74
CA ARG A 94 -0.93 -6.89 8.96
C ARG A 94 -0.29 -7.68 7.82
N GLY A 95 -0.99 -8.72 7.38
CA GLY A 95 -0.41 -9.68 6.46
C GLY A 95 -0.37 -11.02 7.19
N HIS A 96 0.10 -12.05 6.49
CA HIS A 96 0.19 -13.41 7.06
C HIS A 96 1.63 -13.70 7.41
N PRO A 97 1.88 -14.42 8.52
CA PRO A 97 3.24 -14.71 8.99
C PRO A 97 4.19 -15.21 7.89
N SER A 98 3.68 -16.07 7.00
CA SER A 98 4.50 -16.58 5.89
C SER A 98 4.96 -15.46 4.94
N ASP A 99 4.16 -14.39 4.83
CA ASP A 99 4.56 -13.24 4.00
C ASP A 99 5.89 -12.70 4.48
N PHE A 100 6.04 -12.66 5.80
CA PHE A 100 7.22 -12.06 6.42
C PHE A 100 8.38 -13.05 6.50
N GLN A 101 8.08 -14.34 6.48
CA GLN A 101 9.13 -15.34 6.37
C GLN A 101 9.94 -15.10 5.11
N ALA A 102 9.28 -14.71 4.03
CA ALA A 102 9.95 -14.38 2.79
C ALA A 102 10.84 -13.14 2.93
N TRP A 103 10.45 -12.19 3.79
CA TRP A 103 11.30 -11.02 4.06
C TRP A 103 12.56 -11.45 4.80
N VAL A 104 12.42 -12.44 5.69
CA VAL A 104 13.55 -12.95 6.47
C VAL A 104 14.55 -13.64 5.55
N ASP A 105 14.03 -14.54 4.71
CA ASP A 105 14.85 -15.21 3.73
C ASP A 105 15.56 -14.20 2.83
N ALA A 106 14.83 -13.18 2.37
CA ALA A 106 15.41 -12.18 1.47
C ALA A 106 16.46 -11.32 2.17
N SER A 107 16.17 -10.91 3.40
CA SER A 107 17.00 -9.94 4.12
C SER A 107 18.12 -10.57 4.93
N GLY A 108 17.93 -11.84 5.31
CA GLY A 108 18.88 -12.52 6.15
C GLY A 108 18.80 -12.05 7.60
N ASP A 109 17.71 -11.39 7.95
CA ASP A 109 17.55 -10.85 9.28
C ASP A 109 16.20 -11.19 9.92
N ARG A 110 16.25 -11.80 11.12
CA ARG A 110 15.08 -12.27 11.88
CA ARG A 110 15.04 -12.28 11.79
C ARG A 110 14.12 -11.15 12.26
N ARG A 111 14.61 -9.92 12.29
CA ARG A 111 13.81 -8.78 12.73
C ARG A 111 12.58 -8.54 11.86
N TRP A 112 12.63 -9.11 10.65
CA TRP A 112 11.58 -8.89 9.68
C TRP A 112 10.60 -10.06 9.66
N GLY A 113 10.72 -10.95 10.64
CA GLY A 113 9.82 -12.08 10.77
C GLY A 113 8.63 -11.75 11.65
N TRP A 114 7.54 -12.49 11.48
CA TRP A 114 6.30 -12.25 12.24
C TRP A 114 6.53 -12.15 13.76
N ASP A 115 7.34 -13.07 14.30
CA ASP A 115 7.57 -13.11 15.75
C ASP A 115 8.20 -11.82 16.26
N GLU A 116 9.18 -11.29 15.52
CA GLU A 116 9.84 -10.05 15.93
C GLU A 116 8.99 -8.84 15.58
N LEU A 117 8.19 -8.95 14.52
CA LEU A 117 7.31 -7.85 14.13
C LEU A 117 6.13 -7.73 15.09
N LEU A 118 5.78 -8.83 15.75
CA LEU A 118 4.63 -8.85 16.67
C LEU A 118 4.63 -7.70 17.69
N PRO A 119 5.74 -7.50 18.44
CA PRO A 119 5.76 -6.34 19.34
C PRO A 119 5.73 -5.00 18.61
N VAL A 120 6.15 -4.98 17.34
CA VAL A 120 6.12 -3.74 16.55
C VAL A 120 4.69 -3.37 16.16
N PHE A 121 3.95 -4.34 15.59
CA PHE A 121 2.53 -4.13 15.29
C PHE A 121 1.80 -3.70 16.58
N GLN A 122 2.01 -4.43 17.66
CA GLN A 122 1.39 -4.11 18.94
C GLN A 122 1.68 -2.68 19.43
N ALA A 123 2.91 -2.20 19.24
CA ALA A 123 3.24 -0.82 19.62
C ALA A 123 2.46 0.19 18.77
N ILE A 124 2.13 -0.20 17.54
CA ILE A 124 1.42 0.70 16.64
C ILE A 124 -0.08 0.75 16.94
N GLU A 125 -0.63 -0.41 17.31
CA GLU A 125 -2.08 -0.59 17.39
C GLU A 125 -2.76 -0.15 18.69
N ASP A 126 -3.91 0.51 18.56
CA ASP A 126 -4.85 0.58 19.68
C ASP A 126 -6.07 -0.25 19.28
N HIS A 127 -6.07 -1.50 19.72
CA HIS A 127 -6.99 -2.53 19.23
C HIS A 127 -7.96 -2.97 20.35
N PRO A 128 -9.22 -3.26 19.99
CA PRO A 128 -10.17 -3.67 21.03
C PRO A 128 -9.81 -5.03 21.64
N LEU A 129 -9.01 -5.84 20.95
CA LEU A 129 -8.53 -7.12 21.50
C LEU A 129 -7.17 -6.96 22.18
N GLY A 130 -6.68 -5.73 22.27
CA GLY A 130 -5.41 -5.46 22.94
C GLY A 130 -5.36 -6.07 24.33
N GLY A 131 -4.26 -6.75 24.63
CA GLY A 131 -4.16 -7.45 25.90
C GLY A 131 -4.20 -8.96 25.72
N ASP A 132 -4.52 -9.44 24.52
CA ASP A 132 -4.56 -10.88 24.28
C ASP A 132 -3.18 -11.43 23.96
N GLY A 133 -2.17 -10.57 24.04
CA GLY A 133 -0.82 -10.98 23.69
C GLY A 133 -0.56 -11.00 22.20
N ILE A 134 -1.57 -10.71 21.39
CA ILE A 134 -1.43 -10.71 19.93
C ILE A 134 -1.67 -9.33 19.32
N HIS A 135 -2.79 -8.71 19.67
CA HIS A 135 -3.10 -7.40 19.15
C HIS A 135 -2.62 -6.31 20.13
N GLY A 136 -2.40 -5.11 19.62
CA GLY A 136 -1.84 -4.03 20.43
C GLY A 136 -2.86 -3.28 21.26
N LYS A 137 -2.43 -2.78 22.39
CA LYS A 137 -3.28 -1.97 23.24
C LYS A 137 -2.59 -0.64 23.51
N GLY A 138 -3.30 0.47 23.32
CA GLY A 138 -2.79 1.77 23.72
C GLY A 138 -1.83 2.41 22.73
N GLY A 139 -1.80 1.92 21.50
CA GLY A 139 -0.94 2.49 20.48
C GLY A 139 -1.61 3.67 19.80
N PRO A 140 -0.86 4.39 18.98
CA PRO A 140 -1.38 5.64 18.40
C PRO A 140 -2.45 5.45 17.30
N LEU A 141 -2.48 4.28 16.66
CA LEU A 141 -3.38 4.00 15.54
C LEU A 141 -4.57 3.19 15.99
N PRO A 142 -5.77 3.80 16.03
CA PRO A 142 -6.98 3.05 16.37
C PRO A 142 -7.27 1.97 15.33
N ILE A 143 -7.56 0.76 15.81
CA ILE A 143 -8.04 -0.29 14.92
C ILE A 143 -9.49 -0.60 15.33
N HIS A 144 -10.41 -0.47 14.38
CA HIS A 144 -11.83 -0.70 14.68
C HIS A 144 -12.28 -2.03 14.10
N LEU A 145 -13.03 -2.79 14.90
CA LEU A 145 -13.63 -4.05 14.45
C LEU A 145 -15.12 -3.82 14.25
N PRO A 146 -15.55 -3.62 12.99
CA PRO A 146 -16.96 -3.31 12.77
C PRO A 146 -17.86 -4.51 13.07
N ALA A 147 -19.04 -4.26 13.62
CA ALA A 147 -20.03 -5.32 13.81
C ALA A 147 -21.42 -4.80 13.47
N ASP A 148 -21.98 -4.01 14.37
CA ASP A 148 -23.32 -3.47 14.18
C ASP A 148 -23.44 -2.72 12.86
N GLU A 149 -22.40 -1.97 12.49
CA GLU A 149 -22.50 -1.14 11.28
C GLU A 149 -22.17 -1.88 9.99
N VAL A 150 -21.89 -3.18 10.06
CA VAL A 150 -21.64 -3.96 8.85
C VAL A 150 -22.90 -4.08 7.99
N SER A 151 -22.76 -3.79 6.70
CA SER A 151 -23.87 -3.88 5.76
C SER A 151 -24.54 -5.26 5.71
N PRO A 152 -25.88 -5.30 5.66
CA PRO A 152 -26.54 -6.61 5.57
C PRO A 152 -26.07 -7.42 4.36
N LEU A 153 -25.72 -6.74 3.26
CA LEU A 153 -25.06 -7.39 2.12
C LEU A 153 -23.74 -8.08 2.52
N ALA A 154 -22.89 -7.36 3.25
CA ALA A 154 -21.62 -7.93 3.71
C ALA A 154 -21.82 -9.08 4.67
N ARG A 155 -22.82 -8.99 5.54
CA ARG A 155 -23.08 -10.09 6.46
C ARG A 155 -23.52 -11.33 5.69
N ALA A 156 -24.26 -11.11 4.62
CA ALA A 156 -24.77 -12.20 3.80
C ALA A 156 -23.58 -12.85 3.07
N PHE A 157 -22.64 -12.01 2.64
CA PHE A 157 -21.45 -12.48 1.95
C PHE A 157 -20.65 -13.33 2.94
N ILE A 158 -20.51 -12.82 4.16
CA ILE A 158 -19.74 -13.50 5.19
C ILE A 158 -20.34 -14.88 5.48
N GLU A 159 -21.67 -14.94 5.56
CA GLU A 159 -22.39 -16.20 5.73
C GLU A 159 -22.16 -17.17 4.58
N ALA A 160 -22.14 -16.65 3.35
CA ALA A 160 -21.90 -17.49 2.17
C ALA A 160 -20.53 -18.14 2.27
N GLY A 161 -19.52 -17.33 2.55
CA GLY A 161 -18.18 -17.84 2.76
C GLY A 161 -18.09 -18.86 3.90
N ALA A 162 -18.74 -18.55 5.02
CA ALA A 162 -18.74 -19.43 6.18
C ALA A 162 -19.39 -20.78 5.88
N SER A 163 -20.45 -20.77 5.08
CA SER A 163 -21.13 -22.01 4.70
CA SER A 163 -21.12 -22.01 4.73
C SER A 163 -20.21 -22.90 3.88
N LEU A 164 -19.28 -22.27 3.16
CA LEU A 164 -18.40 -23.03 2.27
C LEU A 164 -17.25 -23.69 3.04
N GLY A 165 -17.11 -23.36 4.32
CA GLY A 165 -16.03 -23.93 5.11
C GLY A 165 -15.05 -22.92 5.68
N LEU A 166 -15.11 -21.66 5.22
CA LEU A 166 -14.18 -20.65 5.74
C LEU A 166 -14.46 -20.35 7.21
N PRO A 167 -13.43 -20.38 8.06
CA PRO A 167 -13.63 -20.07 9.48
C PRO A 167 -13.94 -18.60 9.75
N ARG A 168 -14.67 -18.35 10.83
CA ARG A 168 -15.03 -16.99 11.19
C ARG A 168 -13.91 -16.37 12.02
N LEU A 169 -13.37 -15.26 11.53
CA LEU A 169 -12.26 -14.59 12.19
C LEU A 169 -12.75 -13.30 12.83
N GLU A 170 -11.98 -12.78 13.77
CA GLU A 170 -12.18 -11.44 14.26
C GLU A 170 -11.09 -10.52 13.72
N GLY A 171 -11.28 -10.04 12.48
CA GLY A 171 -10.25 -9.28 11.82
C GLY A 171 -9.22 -10.24 11.23
N HIS A 172 -8.26 -9.72 10.48
CA HIS A 172 -7.34 -10.55 9.73
C HIS A 172 -5.98 -10.66 10.39
N ASN A 173 -5.86 -10.21 11.64
CA ASN A 173 -4.55 -9.84 12.15
C ASN A 173 -3.97 -10.72 13.25
N SER A 174 -4.64 -11.83 13.54
CA SER A 174 -4.22 -12.69 14.63
C SER A 174 -3.04 -13.57 14.25
N GLY A 175 -2.66 -13.56 12.96
CA GLY A 175 -1.70 -14.55 12.47
C GLY A 175 -2.44 -15.55 11.60
N GLU A 176 -3.77 -15.60 11.77
CA GLU A 176 -4.64 -16.38 10.89
C GLU A 176 -5.41 -15.41 10.00
N MET A 177 -5.21 -15.52 8.68
CA MET A 177 -5.76 -14.54 7.75
C MET A 177 -6.82 -15.14 6.81
N ILE A 178 -6.76 -16.43 6.59
CA ILE A 178 -7.78 -17.12 5.79
C ILE A 178 -9.04 -17.31 6.62
N GLY A 179 -10.18 -16.87 6.09
CA GLY A 179 -11.44 -16.99 6.82
C GLY A 179 -12.41 -15.92 6.34
N VAL A 180 -13.48 -15.69 7.11
CA VAL A 180 -14.43 -14.64 6.79
C VAL A 180 -14.56 -13.67 7.97
N THR A 181 -14.66 -12.37 7.68
CA THR A 181 -14.67 -11.33 8.71
C THR A 181 -14.86 -9.98 8.06
N PRO A 182 -15.54 -9.04 8.75
CA PRO A 182 -15.46 -7.65 8.27
C PRO A 182 -14.02 -7.18 8.35
N ASN A 183 -13.58 -6.35 7.40
CA ASN A 183 -12.25 -5.77 7.48
C ASN A 183 -12.10 -4.90 8.73
N SER A 184 -10.97 -5.02 9.41
CA SER A 184 -10.62 -4.06 10.45
C SER A 184 -10.31 -2.74 9.77
N LEU A 185 -10.61 -1.63 10.44
CA LEU A 185 -10.53 -0.30 9.82
C LEU A 185 -9.86 0.74 10.73
N ASN A 186 -9.11 1.67 10.14
CA ASN A 186 -8.57 2.78 10.92
C ASN A 186 -9.59 3.90 10.98
N ILE A 187 -10.58 3.72 11.87
CA ILE A 187 -11.67 4.67 12.07
C ILE A 187 -11.87 4.81 13.58
N ARG A 188 -12.13 6.03 14.03
CA ARG A 188 -12.49 6.28 15.43
C ARG A 188 -13.55 7.38 15.45
N ASP A 189 -14.66 7.10 16.14
CA ASP A 189 -15.80 8.02 16.26
C ASP A 189 -16.37 8.39 14.90
N GLY A 190 -16.41 7.41 14.00
CA GLY A 190 -16.92 7.63 12.67
C GLY A 190 -15.95 8.35 11.75
N ARG A 191 -14.78 8.70 12.28
CA ARG A 191 -13.80 9.46 11.50
C ARG A 191 -12.62 8.62 11.05
N ARG A 192 -12.24 8.77 9.78
CA ARG A 192 -11.01 8.14 9.31
C ARG A 192 -9.85 8.66 10.15
N VAL A 193 -8.90 7.79 10.45
CA VAL A 193 -7.70 8.20 11.18
C VAL A 193 -6.47 7.89 10.34
N THR A 194 -5.68 8.91 10.02
CA THR A 194 -4.53 8.72 9.16
C THR A 194 -3.24 8.61 9.94
N ALA A 195 -2.15 8.34 9.22
CA ALA A 195 -0.83 8.35 9.85
C ALA A 195 -0.58 9.73 10.46
N ALA A 196 -0.93 10.78 9.71
CA ALA A 196 -0.70 12.16 10.16
C ALA A 196 -1.54 12.48 11.40
N ASP A 197 -2.78 12.00 11.42
CA ASP A 197 -3.65 12.15 12.59
C ASP A 197 -3.04 11.43 13.80
N ALA A 198 -2.60 10.20 13.58
CA ALA A 198 -2.13 9.37 14.69
C ALA A 198 -0.78 9.82 15.25
N TRP A 199 0.13 10.22 14.37
CA TRP A 199 1.48 10.50 14.84
C TRP A 199 1.83 11.97 14.92
N LEU A 200 1.38 12.74 13.93
CA LEU A 200 1.62 14.18 13.92
C LEU A 200 0.52 14.93 14.69
N THR A 201 0.41 14.63 15.99
CA THR A 201 -0.56 15.29 16.87
C THR A 201 -0.12 16.74 17.13
N LYS A 202 -1.00 17.53 17.77
CA LYS A 202 -0.68 18.92 18.11
C LYS A 202 0.55 18.97 18.98
N ALA A 203 0.60 18.08 19.96
CA ALA A 203 1.75 18.00 20.85
C ALA A 203 3.06 17.71 20.12
N VAL A 204 3.09 16.61 19.35
CA VAL A 204 4.27 16.30 18.53
C VAL A 204 4.68 17.51 17.68
N ARG A 205 3.73 18.09 16.95
CA ARG A 205 4.05 19.22 16.06
C ARG A 205 4.62 20.40 16.85
N GLY A 206 4.27 20.52 18.13
CA GLY A 206 4.76 21.61 18.96
C GLY A 206 6.21 21.49 19.38
N ARG A 207 6.81 20.31 19.19
CA ARG A 207 8.19 20.08 19.63
C ARG A 207 9.17 21.05 18.96
N LYS A 208 10.07 21.64 19.75
CA LYS A 208 10.99 22.65 19.23
C LYS A 208 12.05 22.03 18.33
N ASN A 209 12.20 20.70 18.40
CA ASN A 209 13.20 20.00 17.59
C ASN A 209 12.61 19.38 16.31
N LEU A 210 11.31 19.53 16.11
CA LEU A 210 10.68 19.07 14.87
C LEU A 210 10.28 20.26 14.00
N THR A 211 10.70 20.21 12.74
CA THR A 211 10.32 21.23 11.76
C THR A 211 9.68 20.52 10.60
N ILE A 212 8.50 21.00 10.20
CA ILE A 212 7.83 20.43 9.05
C ILE A 212 7.78 21.47 7.94
N LEU A 213 8.21 21.06 6.74
CA LEU A 213 8.26 21.94 5.58
C LEU A 213 7.34 21.36 4.50
N THR A 214 6.28 22.10 4.15
CA THR A 214 5.32 21.63 3.15
C THR A 214 5.48 22.33 1.81
N GLY A 215 4.68 21.91 0.83
CA GLY A 215 4.79 22.43 -0.53
C GLY A 215 6.20 22.43 -1.09
N SER A 216 7.03 21.52 -0.60
CA SER A 216 8.45 21.48 -0.95
C SER A 216 8.87 20.11 -1.49
N ARG A 217 9.37 20.08 -2.72
CA ARG A 217 9.80 18.84 -3.36
CA ARG A 217 9.82 18.85 -3.36
C ARG A 217 11.33 18.69 -3.37
N VAL A 218 11.81 17.57 -2.81
CA VAL A 218 13.25 17.26 -2.89
C VAL A 218 13.54 16.76 -4.29
N ARG A 219 14.44 17.45 -5.00
CA ARG A 219 14.70 17.17 -6.42
C ARG A 219 15.91 16.28 -6.60
N ARG A 220 16.96 16.54 -5.81
CA ARG A 220 18.20 15.76 -5.89
CA ARG A 220 18.21 15.77 -5.89
C ARG A 220 18.84 15.67 -4.51
N LEU A 221 19.55 14.55 -4.27
CA LEU A 221 20.42 14.42 -3.12
C LEU A 221 21.83 14.67 -3.64
N LYS A 222 22.60 15.47 -2.93
CA LYS A 222 23.95 15.79 -3.37
C LYS A 222 24.98 15.01 -2.55
N LEU A 223 25.93 14.42 -3.26
CA LEU A 223 26.88 13.50 -2.66
C LEU A 223 28.26 14.12 -2.44
N GLU A 224 28.94 13.61 -1.41
CA GLU A 224 30.34 13.90 -1.16
C GLU A 224 30.94 12.60 -0.64
N GLY A 225 31.81 11.97 -1.45
CA GLY A 225 32.33 10.67 -1.09
C GLY A 225 31.22 9.64 -0.93
N ASN A 226 31.23 8.92 0.18
CA ASN A 226 30.20 7.91 0.42
C ASN A 226 29.04 8.40 1.27
N GLN A 227 28.78 9.71 1.24
CA GLN A 227 27.69 10.27 2.01
C GLN A 227 26.85 11.25 1.21
N VAL A 228 25.57 11.33 1.55
CA VAL A 228 24.72 12.42 1.10
C VAL A 228 25.07 13.64 1.95
N ARG A 229 25.43 14.74 1.30
CA ARG A 229 25.88 15.93 2.02
C ARG A 229 24.75 16.93 2.19
N SER A 230 23.94 17.07 1.14
CA SER A 230 22.81 18.00 1.18
C SER A 230 21.68 17.54 0.27
N LEU A 231 20.54 18.24 0.39
CA LEU A 231 19.37 18.00 -0.44
C LEU A 231 18.99 19.29 -1.13
N GLU A 232 18.66 19.21 -2.42
CA GLU A 232 18.13 20.36 -3.15
C GLU A 232 16.62 20.32 -3.03
N VAL A 233 16.05 21.37 -2.45
CA VAL A 233 14.61 21.42 -2.25
C VAL A 233 13.98 22.50 -3.11
N VAL A 234 12.92 22.12 -3.83
CA VAL A 234 12.24 23.01 -4.75
C VAL A 234 10.85 23.37 -4.19
N GLY A 235 10.65 24.66 -3.93
CA GLY A 235 9.37 25.12 -3.40
C GLY A 235 8.65 26.05 -4.34
N ARG A 236 7.52 26.57 -3.88
CA ARG A 236 6.71 27.50 -4.67
CA ARG A 236 6.70 27.52 -4.64
C ARG A 236 7.50 28.74 -5.10
N GLN A 237 8.56 29.04 -4.36
CA GLN A 237 9.37 30.24 -4.53
C GLN A 237 10.60 30.08 -5.42
N GLY A 238 11.13 28.87 -5.49
CA GLY A 238 12.45 28.62 -6.07
C GLY A 238 13.18 27.59 -5.24
N SER A 239 14.46 27.39 -5.53
CA SER A 239 15.21 26.27 -4.92
C SER A 239 16.17 26.69 -3.81
N ALA A 240 16.44 25.75 -2.91
CA ALA A 240 17.31 26.00 -1.76
C ALA A 240 18.01 24.71 -1.35
N GLU A 241 19.20 24.84 -0.78
CA GLU A 241 19.99 23.68 -0.36
C GLU A 241 19.86 23.42 1.13
N VAL A 242 19.59 22.18 1.49
CA VAL A 242 19.36 21.81 2.87
C VAL A 242 20.38 20.77 3.32
N PHE A 243 21.01 21.03 4.46
CA PHE A 243 22.06 20.14 4.95
C PHE A 243 21.56 19.22 6.06
N ALA A 244 22.19 18.05 6.17
CA ALA A 244 21.77 17.03 7.12
C ALA A 244 22.87 16.00 7.39
N ASP A 245 22.86 15.44 8.60
CA ASP A 245 23.76 14.36 8.98
C ASP A 245 23.23 13.00 8.51
N GLN A 246 21.92 12.80 8.59
CA GLN A 246 21.28 11.55 8.16
C GLN A 246 20.07 11.86 7.29
N ILE A 247 19.85 11.08 6.24
CA ILE A 247 18.73 11.32 5.32
C ILE A 247 17.92 10.03 5.20
N VAL A 248 16.62 10.14 5.47
CA VAL A 248 15.72 9.01 5.35
C VAL A 248 14.73 9.34 4.26
N LEU A 249 14.64 8.45 3.25
CA LEU A 249 13.67 8.61 2.17
C LEU A 249 12.36 7.90 2.51
N CYS A 250 11.27 8.66 2.49
CA CYS A 250 9.93 8.11 2.71
C CYS A 250 8.99 8.62 1.62
N ALA A 251 9.52 8.76 0.41
CA ALA A 251 8.74 9.28 -0.70
C ALA A 251 7.84 8.22 -1.36
N GLY A 252 7.88 6.97 -0.90
CA GLY A 252 6.97 5.96 -1.42
C GLY A 252 7.47 5.17 -2.63
N ALA A 253 6.70 4.18 -3.05
CA ALA A 253 7.13 3.20 -4.06
C ALA A 253 7.56 3.80 -5.41
N LEU A 254 7.04 4.97 -5.74
CA LEU A 254 7.39 5.59 -7.01
C LEU A 254 8.40 6.69 -6.82
N GLU A 255 8.14 7.52 -5.82
CA GLU A 255 8.94 8.73 -5.69
C GLU A 255 10.30 8.51 -5.01
N SER A 256 10.41 7.48 -4.17
CA SER A 256 11.74 7.21 -3.64
C SER A 256 12.74 6.78 -4.74
N PRO A 257 12.39 5.77 -5.57
CA PRO A 257 13.34 5.44 -6.64
C PRO A 257 13.57 6.62 -7.60
N ALA A 258 12.52 7.40 -7.88
CA ALA A 258 12.68 8.53 -8.79
C ALA A 258 13.70 9.54 -8.24
N LEU A 259 13.63 9.82 -6.94
CA LEU A 259 14.56 10.77 -6.35
C LEU A 259 15.97 10.24 -6.48
N LEU A 260 16.14 8.95 -6.23
CA LEU A 260 17.48 8.34 -6.33
C LEU A 260 18.02 8.45 -7.76
N MET A 261 17.16 8.17 -8.75
CA MET A 261 17.59 8.25 -10.15
C MET A 261 17.93 9.69 -10.58
N ARG A 262 17.06 10.64 -10.24
CA ARG A 262 17.34 12.07 -10.46
C ARG A 262 18.68 12.50 -9.85
N SER A 263 19.11 11.82 -8.79
CA SER A 263 20.35 12.13 -8.09
C SER A 263 21.53 11.38 -8.68
N GLY A 264 21.28 10.63 -9.75
CA GLY A 264 22.34 9.90 -10.41
C GLY A 264 22.63 8.59 -9.72
N ILE A 265 21.68 8.11 -8.93
CA ILE A 265 21.83 6.82 -8.26
C ILE A 265 20.81 5.84 -8.83
N GLY A 266 21.27 4.79 -9.49
CA GLY A 266 20.39 3.91 -10.23
C GLY A 266 21.03 3.25 -11.44
N PRO A 267 20.22 2.58 -12.27
CA PRO A 267 20.72 1.87 -13.45
C PRO A 267 21.41 2.82 -14.42
N HIS A 268 22.69 2.57 -14.71
CA HIS A 268 23.51 3.48 -15.51
C HIS A 268 22.82 3.71 -16.84
N ASP A 269 22.26 2.64 -17.41
CA ASP A 269 21.67 2.74 -18.74
C ASP A 269 20.35 3.51 -18.70
N VAL A 270 19.54 3.26 -17.67
CA VAL A 270 18.33 4.06 -17.45
C VAL A 270 18.65 5.55 -17.25
N LEU A 271 19.70 5.85 -16.49
CA LEU A 271 20.02 7.26 -16.22
C LEU A 271 20.52 7.93 -17.50
N ASP A 272 21.37 7.20 -18.24
CA ASP A 272 21.84 7.69 -19.54
C ASP A 272 20.64 8.13 -20.38
N ALA A 273 19.70 7.23 -20.59
CA ALA A 273 18.52 7.47 -21.43
C ALA A 273 17.65 8.59 -20.88
N ALA A 274 17.77 8.89 -19.59
CA ALA A 274 17.02 9.99 -19.01
C ALA A 274 17.82 11.28 -19.04
N GLY A 275 19.06 11.20 -19.54
CA GLY A 275 19.94 12.35 -19.56
C GLY A 275 20.47 12.73 -18.18
N VAL A 276 20.61 11.75 -17.30
CA VAL A 276 21.13 12.02 -15.96
C VAL A 276 22.50 11.39 -15.80
N GLY A 277 23.47 12.18 -15.35
CA GLY A 277 24.78 11.64 -15.05
C GLY A 277 24.72 10.55 -14.00
N CME A 278 25.47 9.47 -14.22
CA CME A 278 25.47 8.32 -13.30
CB CME A 278 25.77 7.00 -14.02
SG CME A 278 25.71 5.54 -12.88
SD CME A 278 27.33 4.52 -13.62
CE CME A 278 28.77 5.11 -12.67
CZ CME A 278 30.04 4.39 -13.12
OH CME A 278 29.87 2.98 -12.92
C CME A 278 26.58 8.46 -12.28
O CME A 278 27.74 8.54 -12.65
N LEU A 279 26.24 8.49 -10.99
CA LEU A 279 27.26 8.57 -9.96
C LEU A 279 27.37 7.22 -9.27
N ILE A 280 26.25 6.53 -9.06
CA ILE A 280 26.32 5.20 -8.47
C ILE A 280 25.45 4.25 -9.27
N ASP A 281 26.07 3.25 -9.89
CA ASP A 281 25.29 2.33 -10.72
C ASP A 281 24.63 1.26 -9.85
N MET A 282 23.33 1.40 -9.62
CA MET A 282 22.60 0.39 -8.84
C MET A 282 21.49 -0.14 -9.72
N PRO A 283 21.74 -1.31 -10.34
CA PRO A 283 20.82 -1.86 -11.36
C PRO A 283 19.42 -2.15 -10.83
N ASP A 284 19.25 -2.36 -9.53
CA ASP A 284 17.95 -2.81 -9.03
C ASP A 284 17.03 -1.68 -8.55
N ILE A 285 17.48 -0.43 -8.63
CA ILE A 285 16.63 0.69 -8.28
C ILE A 285 15.52 0.86 -9.30
N GLY A 286 14.29 0.81 -8.83
CA GLY A 286 13.15 0.88 -9.73
C GLY A 286 12.63 -0.48 -10.17
N ARG A 287 13.41 -1.53 -9.97
CA ARG A 287 12.99 -2.88 -10.37
CA ARG A 287 13.00 -2.88 -10.38
C ARG A 287 12.25 -3.58 -9.22
N ASN A 288 11.81 -4.83 -9.43
CA ASN A 288 11.07 -5.58 -8.39
C ASN A 288 9.72 -4.91 -8.07
N LEU A 289 9.22 -4.04 -8.95
CA LEU A 289 7.94 -3.36 -8.70
C LEU A 289 6.79 -4.36 -8.64
N GLN A 290 6.04 -4.32 -7.54
CA GLN A 290 4.86 -5.19 -7.37
C GLN A 290 3.61 -4.37 -7.04
N ASP A 291 2.44 -4.95 -7.33
CA ASP A 291 1.17 -4.32 -6.97
C ASP A 291 0.12 -5.42 -6.91
N HIS A 292 -0.99 -5.17 -6.22
CA HIS A 292 -2.11 -6.12 -6.20
C HIS A 292 -3.11 -5.68 -7.26
N LEU A 293 -3.81 -6.64 -7.85
CA LEU A 293 -4.96 -6.37 -8.72
C LEU A 293 -6.26 -6.86 -8.09
N LEU A 294 -7.36 -6.18 -8.42
CA LEU A 294 -8.69 -6.71 -8.15
C LEU A 294 -9.50 -6.72 -9.43
N GLY A 295 -10.19 -7.84 -9.69
CA GLY A 295 -11.08 -7.91 -10.82
C GLY A 295 -12.36 -7.14 -10.52
N ALA A 296 -12.65 -6.16 -11.36
CA ALA A 296 -13.84 -5.31 -11.17
C ALA A 296 -14.80 -5.48 -12.34
N GLY A 297 -15.71 -6.45 -12.24
CA GLY A 297 -15.78 -7.33 -11.08
C GLY A 297 -16.81 -8.41 -11.34
N ASN A 298 -16.94 -9.35 -10.41
CA ASN A 298 -18.04 -10.32 -10.48
C ASN A 298 -19.31 -9.53 -10.09
N LEU A 299 -19.93 -8.88 -11.09
CA LEU A 299 -21.00 -7.90 -10.90
C LEU A 299 -22.37 -8.57 -10.86
N TYR A 300 -23.15 -8.27 -9.82
CA TYR A 300 -24.50 -8.86 -9.65
C TYR A 300 -25.61 -7.82 -9.63
N ALA A 301 -26.64 -8.03 -10.44
CA ALA A 301 -27.84 -7.21 -10.34
C ALA A 301 -28.49 -7.52 -8.99
N ALA A 302 -28.93 -6.49 -8.28
CA ALA A 302 -29.55 -6.72 -6.97
C ALA A 302 -31.07 -6.89 -7.07
N ARG A 303 -31.60 -7.78 -6.23
CA ARG A 303 -33.02 -8.11 -6.18
C ARG A 303 -33.80 -7.00 -5.49
N LYS A 304 -33.09 -6.13 -4.77
CA LYS A 304 -33.70 -5.01 -4.08
C LYS A 304 -32.65 -3.92 -3.88
N PRO A 305 -33.07 -2.68 -3.54
CA PRO A 305 -32.09 -1.58 -3.42
C PRO A 305 -30.90 -1.85 -2.49
N VAL A 306 -29.68 -1.70 -3.00
CA VAL A 306 -28.46 -1.79 -2.20
C VAL A 306 -28.20 -0.47 -1.47
N PRO A 307 -28.29 -0.48 -0.13
CA PRO A 307 -28.15 0.72 0.70
C PRO A 307 -26.68 1.09 0.83
N PRO A 308 -26.37 2.39 0.89
CA PRO A 308 -24.97 2.85 0.88
C PRO A 308 -24.24 2.41 2.13
N SER A 309 -22.95 2.12 2.00
CA SER A 309 -22.16 1.59 3.12
C SER A 309 -22.09 2.59 4.26
N ARG A 310 -22.13 2.08 5.48
CA ARG A 310 -21.98 2.93 6.66
CA ARG A 310 -21.98 2.88 6.69
C ARG A 310 -20.52 2.91 7.12
N LEU A 311 -19.66 2.42 6.22
CA LEU A 311 -18.24 2.35 6.47
C LEU A 311 -17.48 2.87 5.25
N GLN A 312 -16.94 1.93 4.46
CA GLN A 312 -15.97 2.26 3.41
C GLN A 312 -16.22 1.54 2.08
N HIS A 313 -17.44 0.99 1.92
CA HIS A 313 -17.90 0.34 0.67
C HIS A 313 -17.33 -1.07 0.42
N SER A 314 -16.06 -1.26 0.70
CA SER A 314 -15.43 -2.56 0.53
C SER A 314 -15.19 -3.14 1.91
N GLU A 315 -16.20 -3.83 2.43
CA GLU A 315 -16.30 -4.08 3.85
C GLU A 315 -15.69 -5.39 4.32
N SER A 316 -15.52 -6.34 3.40
CA SER A 316 -15.10 -7.68 3.81
C SER A 316 -14.28 -8.42 2.72
N MET A 317 -12.97 -8.52 2.93
CA MET A 317 -12.12 -9.40 2.12
C MET A 317 -12.16 -10.78 2.72
N ALA A 318 -12.29 -11.79 1.86
CA ALA A 318 -12.16 -13.17 2.29
C ALA A 318 -10.92 -13.75 1.62
N TYR A 319 -9.84 -13.93 2.37
CA TYR A 319 -8.64 -14.58 1.86
C TYR A 319 -8.78 -16.09 2.00
N MET A 320 -8.19 -16.85 1.08
CA MET A 320 -8.33 -18.30 1.10
C MET A 320 -7.29 -18.98 0.22
N ARG A 321 -7.26 -20.30 0.28
CA ARG A 321 -6.40 -21.03 -0.62
C ARG A 321 -7.10 -21.05 -1.98
N ALA A 322 -6.34 -21.24 -3.05
CA ALA A 322 -6.92 -21.21 -4.39
C ALA A 322 -7.75 -22.47 -4.73
N ASP A 323 -7.56 -23.57 -4.00
CA ASP A 323 -8.18 -24.84 -4.40
C ASP A 323 -9.18 -25.42 -3.40
N SER A 324 -9.45 -24.65 -2.34
CA SER A 324 -10.29 -25.16 -1.25
C SER A 324 -10.74 -24.06 -0.30
N PHE A 325 -12.00 -24.13 0.11
CA PHE A 325 -12.51 -23.16 1.08
C PHE A 325 -12.20 -23.59 2.52
N THR A 326 -11.77 -24.83 2.70
CA THR A 326 -11.57 -25.36 4.05
C THR A 326 -10.10 -25.40 4.45
N ALA A 327 -9.22 -25.32 3.47
CA ALA A 327 -7.79 -25.36 3.74
C ALA A 327 -7.30 -24.07 4.41
N ALA A 328 -6.32 -24.23 5.30
CA ALA A 328 -5.77 -23.12 6.09
C ALA A 328 -4.43 -22.68 5.51
N GLY A 329 -3.80 -21.71 6.18
CA GLY A 329 -2.44 -21.33 5.84
C GLY A 329 -2.31 -19.99 5.15
N GLN A 330 -1.29 -19.84 4.30
CA GLN A 330 -1.05 -18.58 3.61
C GLN A 330 -2.05 -18.36 2.49
N PRO A 331 -2.67 -17.17 2.43
CA PRO A 331 -3.65 -16.93 1.36
C PRO A 331 -3.03 -17.07 -0.01
N GLU A 332 -3.84 -17.45 -1.00
CA GLU A 332 -3.40 -17.43 -2.40
C GLU A 332 -4.31 -16.53 -3.24
N ILE A 333 -5.58 -16.46 -2.87
CA ILE A 333 -6.52 -15.57 -3.56
C ILE A 333 -7.37 -14.83 -2.54
N VAL A 334 -8.19 -13.90 -3.01
CA VAL A 334 -9.08 -13.12 -2.16
C VAL A 334 -10.34 -12.80 -2.94
N VAL A 335 -11.48 -12.84 -2.27
CA VAL A 335 -12.74 -12.38 -2.86
C VAL A 335 -13.33 -11.39 -1.88
N GLY A 336 -13.61 -10.18 -2.34
CA GLY A 336 -14.09 -9.14 -1.44
C GLY A 336 -15.49 -8.69 -1.79
N CYS A 337 -16.26 -8.28 -0.79
CA CYS A 337 -17.62 -7.85 -1.03
C CYS A 337 -17.68 -6.33 -1.22
N GLY A 338 -17.87 -5.88 -2.45
CA GLY A 338 -18.00 -4.46 -2.74
C GLY A 338 -19.47 -4.03 -2.70
N VAL A 339 -19.86 -3.33 -1.64
CA VAL A 339 -21.25 -2.84 -1.52
C VAL A 339 -21.61 -1.88 -2.68
N ALA A 340 -20.61 -1.21 -3.25
CA ALA A 340 -20.78 -0.41 -4.46
C ALA A 340 -20.57 -1.24 -5.73
N PRO A 341 -21.38 -0.99 -6.77
CA PRO A 341 -21.31 -1.75 -8.04
C PRO A 341 -20.06 -1.43 -8.87
N ILE A 342 -18.89 -1.81 -8.36
CA ILE A 342 -17.61 -1.42 -8.93
C ILE A 342 -17.19 -2.19 -10.20
N VAL A 343 -16.98 -1.49 -11.31
CA VAL A 343 -16.47 -2.13 -12.52
C VAL A 343 -15.33 -1.30 -13.10
N SER A 344 -14.49 -1.92 -13.92
CA SER A 344 -13.41 -1.19 -14.59
C SER A 344 -13.99 -0.31 -15.70
N GLU A 345 -13.16 0.49 -16.35
CA GLU A 345 -13.61 1.31 -17.47
C GLU A 345 -14.06 0.47 -18.67
N SER A 346 -13.73 -0.82 -18.68
CA SER A 346 -14.14 -1.72 -19.76
C SER A 346 -15.64 -2.04 -19.76
N PHE A 347 -16.36 -1.66 -18.71
CA PHE A 347 -17.79 -1.97 -18.62
C PHE A 347 -18.60 -0.72 -18.27
N PRO A 348 -19.86 -0.68 -18.72
CA PRO A 348 -20.74 0.42 -18.30
C PRO A 348 -21.17 0.24 -16.85
N ALA A 349 -21.20 1.32 -16.08
CA ALA A 349 -21.65 1.24 -14.69
C ALA A 349 -23.16 1.11 -14.61
N PRO A 350 -23.65 0.20 -13.76
CA PRO A 350 -25.08 0.08 -13.48
C PRO A 350 -25.52 1.25 -12.63
N ALA A 351 -26.81 1.61 -12.66
CA ALA A 351 -27.31 2.67 -11.79
C ALA A 351 -26.94 2.36 -10.34
N ALA A 352 -26.73 3.40 -9.54
CA ALA A 352 -26.38 3.23 -8.13
C ALA A 352 -27.50 2.50 -7.42
N GLY A 353 -27.16 1.69 -6.42
CA GLY A 353 -28.15 0.97 -5.63
C GLY A 353 -28.70 -0.27 -6.31
N SER A 354 -28.46 -0.41 -7.61
CA SER A 354 -29.06 -1.50 -8.40
C SER A 354 -28.17 -2.75 -8.51
N ALA A 355 -26.92 -2.63 -8.08
CA ALA A 355 -25.98 -3.74 -8.22
C ALA A 355 -24.89 -3.70 -7.16
N TYR A 356 -24.24 -4.85 -6.97
CA TYR A 356 -23.04 -4.94 -6.15
C TYR A 356 -22.05 -5.82 -6.87
N SER A 357 -20.77 -5.62 -6.57
CA SER A 357 -19.71 -6.39 -7.19
C SER A 357 -18.96 -7.17 -6.13
N LEU A 358 -18.57 -8.40 -6.49
CA LEU A 358 -17.60 -9.14 -5.71
C LEU A 358 -16.27 -8.93 -6.42
N LEU A 359 -15.27 -8.47 -5.68
CA LEU A 359 -13.98 -8.19 -6.27
C LEU A 359 -13.13 -9.43 -6.02
N PHE A 360 -12.27 -9.76 -6.96
CA PHE A 360 -11.49 -10.99 -6.84
C PHE A 360 -10.06 -10.68 -7.27
N GLY A 361 -9.10 -11.28 -6.56
CA GLY A 361 -7.70 -10.94 -6.78
C GLY A 361 -6.80 -12.09 -6.41
N ILE A 362 -5.50 -11.97 -6.68
CA ILE A 362 -4.53 -12.96 -6.20
C ILE A 362 -3.66 -12.26 -5.16
N THR A 363 -3.17 -13.02 -4.18
CA THR A 363 -2.56 -12.35 -3.03
C THR A 363 -1.07 -12.17 -3.12
N HIS A 364 -0.40 -13.00 -3.93
CA HIS A 364 1.06 -12.94 -4.03
C HIS A 364 1.50 -13.06 -5.51
N PRO A 365 1.26 -12.01 -6.31
CA PRO A 365 1.64 -12.09 -7.73
C PRO A 365 3.13 -12.34 -7.91
N THR A 366 3.48 -13.15 -8.90
CA THR A 366 4.88 -13.45 -9.18
C THR A 366 5.42 -12.56 -10.28
N SER A 367 4.55 -11.87 -11.01
CA SER A 367 5.01 -10.87 -11.98
C SER A 367 5.79 -9.76 -11.28
N ARG A 368 6.69 -9.13 -12.03
CA ARG A 368 7.55 -8.07 -11.47
C ARG A 368 7.76 -7.01 -12.54
N GLY A 369 7.56 -5.75 -12.15
CA GLY A 369 7.69 -4.67 -13.12
C GLY A 369 8.80 -3.71 -12.79
N SER A 370 8.69 -2.48 -13.29
CA SER A 370 9.76 -1.51 -13.05
C SER A 370 9.24 -0.09 -13.16
N VAL A 371 9.94 0.82 -12.49
CA VAL A 371 9.72 2.26 -12.65
C VAL A 371 11.05 2.88 -13.06
N ARG A 372 11.02 3.74 -14.09
CA ARG A 372 12.20 4.43 -14.61
CA ARG A 372 12.21 4.43 -14.54
C ARG A 372 11.88 5.91 -14.74
N ILE A 373 12.84 6.78 -14.44
CA ILE A 373 12.64 8.21 -14.73
C ILE A 373 12.73 8.40 -16.25
N SER A 374 11.95 9.34 -16.79
CA SER A 374 12.02 9.65 -18.22
C SER A 374 12.97 10.81 -18.52
N GLY A 375 13.32 11.58 -17.51
CA GLY A 375 14.21 12.71 -17.69
C GLY A 375 14.67 13.19 -16.33
N PRO A 376 15.49 14.26 -16.28
CA PRO A 376 15.99 14.72 -14.98
C PRO A 376 14.97 15.54 -14.18
N GLU A 377 13.89 16.02 -14.81
CA GLU A 377 13.10 17.07 -14.15
C GLU A 377 11.95 16.56 -13.29
N LEU A 378 11.55 17.36 -12.30
CA LEU A 378 10.40 17.01 -11.46
C LEU A 378 9.17 16.76 -12.36
N GLY A 379 9.08 17.50 -13.45
CA GLY A 379 7.89 17.43 -14.30
C GLY A 379 7.90 16.34 -15.34
N ASP A 380 9.03 15.63 -15.48
CA ASP A 380 9.13 14.52 -16.45
C ASP A 380 8.43 13.29 -15.88
N ARG A 381 7.41 12.79 -16.57
CA ARG A 381 6.59 11.73 -16.01
C ARG A 381 7.35 10.41 -15.86
N LEU A 382 7.00 9.63 -14.86
CA LEU A 382 7.64 8.35 -14.65
C LEU A 382 7.15 7.34 -15.67
N ILE A 383 8.03 6.44 -16.05
CA ILE A 383 7.69 5.30 -16.91
C ILE A 383 7.45 4.08 -16.01
N ILE A 384 6.17 3.73 -15.83
CA ILE A 384 5.75 2.73 -14.86
C ILE A 384 5.16 1.53 -15.59
N ASP A 385 5.86 0.39 -15.50
CA ASP A 385 5.36 -0.85 -16.11
C ASP A 385 5.17 -1.89 -15.04
N PRO A 386 3.96 -2.01 -14.48
CA PRO A 386 3.71 -2.98 -13.41
C PRO A 386 3.80 -4.43 -13.91
N ALA A 387 3.84 -4.66 -15.23
CA ALA A 387 3.87 -6.01 -15.81
C ALA A 387 2.72 -6.88 -15.30
N TYR A 388 1.52 -6.30 -15.28
CA TYR A 388 0.36 -7.00 -14.74
C TYR A 388 0.10 -8.30 -15.52
N LEU A 389 -0.23 -9.36 -14.79
CA LEU A 389 -0.60 -10.66 -15.38
C LEU A 389 0.39 -11.21 -16.40
N GLN A 390 1.69 -11.09 -16.14
CA GLN A 390 2.66 -11.52 -17.15
C GLN A 390 3.11 -12.99 -16.96
N THR A 391 2.85 -13.55 -15.80
CA THR A 391 3.25 -14.91 -15.52
C THR A 391 2.08 -15.86 -15.68
N GLY A 392 2.37 -17.13 -15.97
CA GLY A 392 1.30 -18.11 -16.09
C GLY A 392 0.65 -18.40 -14.76
N ARG A 393 1.45 -18.33 -13.70
CA ARG A 393 0.96 -18.53 -12.34
C ARG A 393 -0.06 -17.45 -11.97
N ASP A 394 0.27 -16.19 -12.22
CA ASP A 394 -0.64 -15.07 -11.93
C ASP A 394 -1.96 -15.22 -12.69
N ARG A 395 -1.88 -15.67 -13.94
CA ARG A 395 -3.07 -15.82 -14.76
CA ARG A 395 -3.07 -15.83 -14.78
C ARG A 395 -3.92 -17.00 -14.29
N GLU A 396 -3.24 -18.10 -13.95
CA GLU A 396 -3.93 -19.32 -13.51
C GLU A 396 -4.64 -19.09 -12.17
N ARG A 397 -3.92 -18.51 -11.21
CA ARG A 397 -4.47 -18.15 -9.90
C ARG A 397 -5.69 -17.19 -9.99
N PHE A 398 -5.67 -16.24 -10.93
CA PHE A 398 -6.80 -15.32 -11.10
C PHE A 398 -8.05 -16.03 -11.62
N ARG A 399 -7.86 -17.10 -12.40
CA ARG A 399 -8.98 -17.99 -12.76
C ARG A 399 -9.55 -18.62 -11.48
N ARG A 400 -8.67 -19.08 -10.62
CA ARG A 400 -9.11 -19.66 -9.35
C ARG A 400 -9.87 -18.62 -8.53
N ALA A 401 -9.41 -17.37 -8.57
CA ALA A 401 -10.05 -16.32 -7.78
C ALA A 401 -11.44 -16.02 -8.31
N LEU A 402 -11.54 -15.84 -9.64
CA LEU A 402 -12.84 -15.60 -10.28
C LEU A 402 -13.77 -16.76 -9.99
N GLU A 403 -13.22 -17.97 -10.04
CA GLU A 403 -14.06 -19.12 -9.78
C GLU A 403 -14.52 -19.15 -8.34
N ALA A 404 -13.68 -18.71 -7.43
CA ALA A 404 -14.07 -18.71 -6.03
C ALA A 404 -15.17 -17.69 -5.83
N SER A 405 -15.03 -16.55 -6.51
CA SER A 405 -15.96 -15.44 -6.39
C SER A 405 -17.37 -15.84 -6.86
N ARG A 406 -17.45 -16.51 -8.00
CA ARG A 406 -18.74 -16.89 -8.52
C ARG A 406 -19.40 -17.95 -7.63
N THR A 407 -18.61 -18.89 -7.09
CA THR A 407 -19.13 -19.89 -6.17
C THR A 407 -19.77 -19.20 -4.97
N ILE A 408 -19.04 -18.29 -4.35
CA ILE A 408 -19.58 -17.51 -3.22
C ILE A 408 -20.78 -16.69 -3.67
N GLY A 409 -20.64 -15.96 -4.78
CA GLY A 409 -21.70 -15.12 -5.30
C GLY A 409 -23.06 -15.79 -5.50
N HIS A 410 -23.04 -17.09 -5.84
CA HIS A 410 -24.29 -17.80 -6.16
C HIS A 410 -24.81 -18.64 -5.00
N ARG A 411 -24.22 -18.48 -3.82
CA ARG A 411 -24.70 -19.21 -2.64
C ARG A 411 -26.10 -18.75 -2.24
N ASP A 412 -26.90 -19.69 -1.76
CA ASP A 412 -28.21 -19.41 -1.16
C ASP A 412 -28.17 -18.30 -0.10
N GLU A 413 -27.05 -18.17 0.60
CA GLU A 413 -26.90 -17.14 1.63
C GLU A 413 -26.97 -15.73 1.05
N LEU A 414 -26.84 -15.60 -0.26
CA LEU A 414 -26.92 -14.29 -0.93
C LEU A 414 -28.18 -14.16 -1.81
N ALA A 415 -29.04 -15.18 -1.78
CA ALA A 415 -30.27 -15.21 -2.55
C ALA A 415 -31.22 -14.07 -2.21
N GLY A 416 -31.10 -13.52 -1.01
CA GLY A 416 -31.93 -12.38 -0.64
C GLY A 416 -31.51 -11.12 -1.38
N TRP A 417 -30.26 -11.08 -1.84
CA TRP A 417 -29.75 -9.86 -2.48
C TRP A 417 -29.62 -10.01 -4.00
N ARG A 418 -29.34 -11.23 -4.44
CA ARG A 418 -28.95 -11.50 -5.82
C ARG A 418 -30.17 -11.63 -6.72
N GLU A 419 -30.23 -10.83 -7.78
CA GLU A 419 -31.25 -11.05 -8.80
C GLU A 419 -30.66 -11.99 -9.85
N ARG A 420 -29.46 -11.65 -10.34
CA ARG A 420 -28.69 -12.50 -11.24
C ARG A 420 -27.30 -11.91 -11.45
N GLU A 421 -26.37 -12.72 -11.96
CA GLU A 421 -25.04 -12.24 -12.30
C GLU A 421 -25.10 -11.45 -13.59
N LEU A 422 -24.48 -10.26 -13.59
CA LEU A 422 -24.32 -9.50 -14.82
C LEU A 422 -22.96 -9.82 -15.49
N LEU A 423 -21.90 -9.92 -14.68
CA LEU A 423 -20.55 -10.22 -15.19
C LEU A 423 -19.86 -11.28 -14.30
N PRO A 424 -19.10 -12.22 -14.91
CA PRO A 424 -18.79 -12.30 -16.34
C PRO A 424 -19.84 -13.04 -17.14
N GLY A 425 -20.81 -13.65 -16.48
CA GLY A 425 -21.83 -14.36 -17.23
C GLY A 425 -21.37 -15.74 -17.62
N THR A 426 -21.11 -15.95 -18.91
CA THR A 426 -20.86 -17.30 -19.44
C THR A 426 -19.52 -17.55 -20.14
N PRO A 427 -18.39 -17.36 -19.42
CA PRO A 427 -17.11 -17.73 -20.05
C PRO A 427 -16.94 -19.26 -20.13
N ASN A 428 -16.86 -19.77 -21.35
CA ASN A 428 -16.82 -21.21 -21.57
C ASN A 428 -15.44 -21.80 -21.85
N SER A 429 -14.39 -21.08 -21.43
CA SER A 429 -13.03 -21.55 -21.67
C SER A 429 -12.00 -20.73 -20.91
N ALA A 430 -10.79 -21.26 -20.81
CA ALA A 430 -9.68 -20.56 -20.14
C ALA A 430 -9.45 -19.20 -20.80
N ALA A 431 -9.38 -19.19 -22.13
CA ALA A 431 -9.11 -17.96 -22.88
C ALA A 431 -10.18 -16.91 -22.66
N GLU A 432 -11.45 -17.33 -22.68
CA GLU A 432 -12.55 -16.39 -22.43
C GLU A 432 -12.51 -15.81 -21.02
N MET A 433 -12.19 -16.66 -20.04
CA MET A 433 -12.04 -16.19 -18.68
C MET A 433 -10.85 -15.24 -18.58
N ASP A 434 -9.76 -15.61 -19.23
CA ASP A 434 -8.56 -14.78 -19.20
C ASP A 434 -8.87 -13.41 -19.78
N ASP A 435 -9.71 -13.37 -20.82
CA ASP A 435 -10.02 -12.11 -21.50
C ASP A 435 -10.87 -11.21 -20.62
N PHE A 436 -11.88 -11.79 -19.99
CA PHE A 436 -12.68 -11.04 -19.04
C PHE A 436 -11.81 -10.51 -17.89
N ILE A 437 -10.97 -11.37 -17.33
CA ILE A 437 -10.11 -10.95 -16.22
C ILE A 437 -9.19 -9.80 -16.64
N ALA A 438 -8.56 -9.93 -17.81
CA ALA A 438 -7.65 -8.90 -18.34
C ALA A 438 -8.37 -7.56 -18.56
N ARG A 439 -9.64 -7.62 -18.94
CA ARG A 439 -10.43 -6.43 -19.18
C ARG A 439 -10.93 -5.82 -17.88
N SER A 440 -11.06 -6.64 -16.85
CA SER A 440 -11.71 -6.22 -15.59
C SER A 440 -10.76 -5.78 -14.46
N VAL A 441 -9.54 -6.30 -14.44
CA VAL A 441 -8.64 -6.00 -13.32
C VAL A 441 -8.30 -4.51 -13.20
N ILE A 442 -8.27 -4.02 -11.96
CA ILE A 442 -7.79 -2.67 -11.67
C ILE A 442 -6.76 -2.77 -10.54
N THR A 443 -5.99 -1.70 -10.30
CA THR A 443 -5.03 -1.70 -9.19
C THR A 443 -5.71 -1.73 -7.82
N HIS A 444 -5.12 -2.47 -6.89
CA HIS A 444 -5.62 -2.53 -5.52
C HIS A 444 -4.95 -1.45 -4.67
N HIS A 445 -4.03 -0.68 -5.30
CA HIS A 445 -3.33 0.41 -4.74
C HIS A 445 -2.21 0.10 -3.82
N HIS A 446 -1.47 -0.96 -4.05
CA HIS A 446 -0.39 -1.40 -3.17
C HIS A 446 0.98 -1.49 -3.84
N PRO A 447 1.41 -0.40 -4.53
CA PRO A 447 2.74 -0.47 -5.17
C PRO A 447 3.85 -0.55 -4.12
N CYS A 448 4.90 -1.32 -4.41
CA CYS A 448 6.00 -1.56 -3.47
C CYS A 448 7.17 -2.25 -4.17
N GLY A 449 8.32 -2.31 -3.49
CA GLY A 449 9.41 -3.18 -3.92
C GLY A 449 10.55 -2.58 -4.73
N THR A 450 10.44 -1.29 -5.05
CA THR A 450 11.32 -0.65 -6.03
C THR A 450 12.69 -0.23 -5.47
N CYS A 451 12.85 -0.37 -4.15
CA CYS A 451 14.16 -0.19 -3.54
C CYS A 451 14.36 -1.39 -2.64
N ARG A 452 14.37 -2.59 -3.23
CA ARG A 452 14.21 -3.81 -2.41
C ARG A 452 15.31 -4.01 -1.36
N MET A 453 14.86 -4.36 -0.17
CA MET A 453 15.75 -4.79 0.89
C MET A 453 16.21 -6.21 0.57
N GLY A 454 17.51 -6.48 0.71
CA GLY A 454 18.01 -7.82 0.47
C GLY A 454 19.43 -8.01 1.00
N LYS A 455 19.83 -9.25 1.22
CA LYS A 455 21.18 -9.53 1.70
C LYS A 455 22.20 -9.73 0.57
N ASP A 456 21.70 -9.84 -0.66
CA ASP A 456 22.56 -10.07 -1.82
C ASP A 456 23.21 -8.74 -2.26
N PRO A 457 24.35 -8.82 -2.98
CA PRO A 457 25.14 -7.61 -3.24
C PRO A 457 24.42 -6.52 -4.01
N ASP A 458 23.50 -6.89 -4.91
CA ASP A 458 22.80 -5.88 -5.71
C ASP A 458 21.41 -5.44 -5.19
N ALA A 459 21.06 -5.85 -3.97
CA ALA A 459 19.87 -5.32 -3.30
C ALA A 459 20.05 -3.81 -3.14
N VAL A 460 18.95 -3.05 -3.08
CA VAL A 460 19.07 -1.60 -2.92
C VAL A 460 19.40 -1.18 -1.48
N VAL A 461 18.71 -1.79 -0.52
CA VAL A 461 19.06 -1.58 0.88
C VAL A 461 19.38 -2.88 1.60
N ASP A 462 20.13 -2.78 2.69
CA ASP A 462 20.43 -3.95 3.50
C ASP A 462 19.31 -4.12 4.51
N ALA A 463 19.51 -5.00 5.48
CA ALA A 463 18.46 -5.35 6.44
C ALA A 463 18.18 -4.22 7.40
N ASN A 464 19.13 -3.28 7.49
CA ASN A 464 18.98 -2.10 8.33
C ASN A 464 18.35 -0.93 7.57
N LEU A 465 18.03 -1.19 6.29
CA LEU A 465 17.38 -0.20 5.39
C LEU A 465 18.32 0.89 4.87
N ARG A 466 19.63 0.64 4.96
CA ARG A 466 20.63 1.57 4.50
C ARG A 466 20.93 1.29 3.01
N LEU A 467 20.85 2.32 2.16
CA LEU A 467 21.28 2.15 0.78
C LEU A 467 22.69 1.59 0.77
N LYS A 468 22.90 0.46 0.09
CA LYS A 468 24.17 -0.27 0.23
C LYS A 468 25.40 0.53 -0.19
N ALA A 469 25.23 1.51 -1.09
CA ALA A 469 26.39 2.23 -1.61
C ALA A 469 26.80 3.46 -0.81
N LEU A 470 26.05 3.79 0.24
CA LEU A 470 26.33 5.02 1.01
C LEU A 470 26.21 4.82 2.53
N ASP A 471 26.79 5.74 3.30
CA ASP A 471 26.82 5.58 4.76
C ASP A 471 25.64 6.20 5.53
N ASN A 472 25.02 7.23 4.98
CA ASN A 472 24.08 7.99 5.78
C ASN A 472 22.73 8.18 5.11
N LEU A 473 22.39 7.27 4.19
CA LEU A 473 21.11 7.34 3.49
C LEU A 473 20.28 6.09 3.70
N PHE A 474 19.04 6.27 4.12
CA PHE A 474 18.16 5.14 4.39
C PHE A 474 16.88 5.25 3.55
N VAL A 475 16.27 4.11 3.23
CA VAL A 475 15.00 4.10 2.50
C VAL A 475 13.98 3.39 3.38
N VAL A 476 12.98 4.13 3.86
CA VAL A 476 12.06 3.57 4.83
C VAL A 476 10.62 3.84 4.43
N ASP A 477 10.12 3.02 3.49
CA ASP A 477 8.74 3.08 3.01
C ASP A 477 8.39 1.79 2.25
N ALA A 478 7.30 1.81 1.48
CA ALA A 478 6.84 0.60 0.80
C ALA A 478 7.83 0.13 -0.26
N SER A 479 8.73 1.00 -0.70
CA SER A 479 9.68 0.62 -1.73
C SER A 479 10.65 -0.50 -1.27
N ILE A 480 10.94 -0.61 0.03
CA ILE A 480 11.90 -1.64 0.47
C ILE A 480 11.32 -3.06 0.55
N MET A 481 9.99 -3.19 0.54
CA MET A 481 9.33 -4.50 0.69
C MET A 481 9.87 -5.50 -0.32
N PRO A 482 10.48 -6.59 0.18
CA PRO A 482 10.95 -7.65 -0.73
C PRO A 482 9.79 -8.22 -1.54
N ASN A 483 8.66 -8.40 -0.86
CA ASN A 483 7.46 -8.89 -1.51
C ASN A 483 6.21 -8.35 -0.81
N LEU A 484 5.15 -8.23 -1.59
CA LEU A 484 3.81 -7.94 -1.12
C LEU A 484 3.39 -8.84 0.04
N THR A 485 2.72 -8.26 1.04
CA THR A 485 1.94 -9.06 2.00
C THR A 485 0.73 -9.58 1.27
N ALA A 486 -0.03 -10.49 1.88
CA ALA A 486 -1.20 -11.08 1.20
C ALA A 486 -2.28 -10.06 0.85
N GLY A 487 -2.44 -9.03 1.69
CA GLY A 487 -3.52 -8.08 1.53
C GLY A 487 -2.96 -6.65 1.57
N PRO A 488 -3.82 -5.67 1.88
CA PRO A 488 -3.38 -4.29 1.90
C PRO A 488 -2.12 -4.06 2.75
N ILE A 489 -1.24 -3.18 2.27
CA ILE A 489 0.12 -3.08 2.78
C ILE A 489 0.42 -1.95 3.78
N HIS A 490 -0.58 -1.14 4.12
CA HIS A 490 -0.31 0.02 4.98
C HIS A 490 0.24 -0.42 6.34
N ALA A 491 -0.31 -1.49 6.91
CA ALA A 491 0.16 -1.95 8.23
C ALA A 491 1.66 -2.28 8.13
N ALA A 492 2.02 -2.93 7.02
CA ALA A 492 3.41 -3.31 6.77
C ALA A 492 4.34 -2.12 6.61
N VAL A 493 3.88 -1.10 5.89
CA VAL A 493 4.69 0.11 5.72
C VAL A 493 4.92 0.74 7.09
N LEU A 494 3.89 0.71 7.93
CA LEU A 494 4.00 1.31 9.26
C LEU A 494 4.92 0.45 10.12
N ALA A 495 4.80 -0.87 10.02
CA ALA A 495 5.75 -1.75 10.71
C ALA A 495 7.20 -1.49 10.26
N ILE A 496 7.41 -1.29 8.96
CA ILE A 496 8.74 -0.94 8.47
C ILE A 496 9.25 0.34 9.11
N ALA A 497 8.38 1.33 9.21
CA ALA A 497 8.83 2.60 9.75
C ALA A 497 9.13 2.47 11.25
N GLU A 498 8.25 1.81 11.99
CA GLU A 498 8.47 1.62 13.42
C GLU A 498 9.76 0.84 13.70
N THR A 499 10.04 -0.22 12.94
CA THR A 499 11.29 -0.94 13.25
C THR A 499 12.51 -0.08 12.94
N PHE A 500 12.42 0.78 11.93
CA PHE A 500 13.54 1.69 11.69
C PHE A 500 13.67 2.74 12.80
N ALA A 501 12.54 3.19 13.35
CA ALA A 501 12.60 4.18 14.44
C ALA A 501 13.28 3.54 15.65
N ARG A 502 12.92 2.29 15.92
CA ARG A 502 13.51 1.57 17.04
C ARG A 502 15.01 1.37 16.84
N GLN A 503 15.42 1.12 15.59
CA GLN A 503 16.82 0.91 15.26
CA GLN A 503 16.84 0.92 15.30
C GLN A 503 17.64 2.20 15.39
N TYR A 504 17.03 3.31 15.00
CA TYR A 504 17.68 4.61 15.11
C TYR A 504 17.92 5.01 16.57
N HIS A 505 16.91 4.86 17.41
CA HIS A 505 17.07 5.13 18.84
C HIS A 505 18.05 4.15 19.50
N HIS A 506 18.06 2.91 19.03
CA HIS A 506 19.00 1.91 19.55
C HIS A 506 20.47 2.25 19.24
N HIS A 507 20.78 2.56 17.98
CA HIS A 507 22.12 3.00 17.58
C HIS A 507 22.15 4.49 17.26
N HIS A 508 22.51 5.32 18.23
CA HIS A 508 22.90 6.70 17.89
C HIS A 508 23.88 7.29 18.92
PA FAD B . 3.03 7.47 0.92
O1A FAD B . 2.10 7.32 2.12
O2A FAD B . 2.43 7.50 -0.46
O5B FAD B . 3.90 8.82 1.16
C5B FAD B . 4.71 9.44 0.18
C4B FAD B . 4.77 10.91 0.57
O4B FAD B . 5.97 11.54 0.12
C3B FAD B . 3.61 11.68 -0.05
O3B FAD B . 3.06 12.50 0.99
C2B FAD B . 4.25 12.53 -1.15
O2B FAD B . 3.54 13.76 -1.36
C1B FAD B . 5.67 12.74 -0.61
N9A FAD B . 6.72 12.90 -1.66
C8A FAD B . 6.87 12.18 -2.78
N7A FAD B . 7.96 12.60 -3.48
C5A FAD B . 8.53 13.61 -2.80
C6A FAD B . 9.72 14.50 -2.97
N6A FAD B . 10.54 14.36 -4.06
N1A FAD B . 9.96 15.43 -2.01
C2A FAD B . 9.17 15.56 -0.92
N3A FAD B . 8.08 14.78 -0.71
C4A FAD B . 7.72 13.81 -1.59
N1 FAD B . -3.39 0.30 2.26
C2 FAD B . -4.00 -0.44 3.21
O2 FAD B . -3.29 -1.15 3.96
N3 FAD B . -5.34 -0.46 3.36
C4 FAD B . -6.15 0.26 2.59
O4 FAD B . -7.41 0.23 2.74
C4X FAD B . -5.56 1.10 1.52
N5 FAD B . -6.31 1.85 0.69
C5X FAD B . -5.74 2.62 -0.27
C6 FAD B . -6.52 3.40 -1.11
C7 FAD B . -5.93 4.21 -2.09
C7M FAD B . -6.81 5.04 -3.00
C8 FAD B . -4.46 4.22 -2.23
C8M FAD B . -3.81 5.09 -3.29
C9 FAD B . -3.65 3.46 -1.39
C9A FAD B . -4.26 2.65 -0.41
N10 FAD B . -3.47 1.87 0.44
C10 FAD B . -4.09 1.08 1.41
C1' FAD B . -2.00 1.86 0.29
C2' FAD B . -1.30 2.65 1.40
O2' FAD B . -1.96 3.91 1.59
C3' FAD B . 0.15 2.86 0.93
O3' FAD B . 0.70 1.58 0.57
C4' FAD B . 0.99 3.51 2.01
O4' FAD B . 0.36 4.75 2.38
C5' FAD B . 2.42 3.75 1.54
O5' FAD B . 3.02 4.72 2.40
P FAD B . 4.48 5.28 2.06
O1P FAD B . 5.07 5.99 3.27
O2P FAD B . 5.29 4.19 1.37
O3P FAD B . 4.17 6.35 0.92
C1 GOL C . -16.23 4.55 15.38
O1 GOL C . -16.07 4.20 14.03
C2 GOL C . -15.60 3.49 16.28
O2 GOL C . -16.65 2.79 16.92
C3 GOL C . -14.74 4.18 17.32
O3 GOL C . -14.37 3.23 18.29
C1 GOL D . 9.98 12.22 -12.00
O1 GOL D . 11.18 11.94 -11.30
C2 GOL D . 8.84 12.67 -11.07
O2 GOL D . 9.23 12.50 -9.72
C3 GOL D . 7.60 11.83 -11.38
O3 GOL D . 6.46 12.17 -10.63
C1 GOL E . 18.08 -1.88 -14.68
O1 GOL E . 18.64 -3.08 -14.16
C2 GOL E . 17.42 -2.15 -16.04
O2 GOL E . 16.38 -1.22 -16.20
C3 GOL E . 18.46 -1.96 -17.13
O3 GOL E . 17.94 -2.07 -18.43
C1 GOL F . -10.87 -21.88 -3.79
O1 GOL F . -11.31 -21.35 -2.55
C2 GOL F . -11.93 -22.68 -4.55
O2 GOL F . -13.13 -21.96 -4.62
C3 GOL F . -11.51 -22.82 -6.01
O3 GOL F . -11.47 -21.53 -6.63
C1 GOL G . 8.20 -12.48 -14.52
O1 GOL G . 8.42 -12.63 -13.13
C2 GOL G . 8.23 -10.99 -14.82
O2 GOL G . 8.65 -10.34 -13.65
C3 GOL G . 6.84 -10.50 -15.21
O3 GOL G . 6.92 -9.91 -16.51
C1 GOL H . -26.11 -23.75 -5.38
O1 GOL H . -26.15 -22.48 -6.02
C2 GOL H . -25.55 -23.62 -3.96
O2 GOL H . -25.44 -24.91 -3.38
C3 GOL H . -26.47 -22.77 -3.08
O3 GOL H . -25.81 -22.45 -1.85
C1 GOL I . -10.20 -18.70 14.43
O1 GOL I . -11.50 -18.86 13.90
C2 GOL I . -9.69 -20.05 14.95
O2 GOL I . -9.31 -20.88 13.86
C3 GOL I . -8.52 -19.85 15.90
O3 GOL I . -8.90 -20.22 17.21
N1 PXM J . -10.90 -1.80 -2.59
C2 PXM J . -9.86 -1.18 -3.12
C2A PXM J . -9.80 -0.79 -4.56
C3 PXM J . -8.81 -0.91 -2.25
O3 PXM J . -7.69 -0.27 -2.75
C4 PXM J . -8.85 -1.27 -0.89
C5 PXM J . -10.01 -1.94 -0.41
C5A PXM J . -10.26 -2.40 1.02
O5 PXM J . -9.15 -2.64 1.82
C6 PXM J . -11.04 -2.18 -1.32
C4A PXM J . -7.64 -0.92 -0.05
N4 PXM J . -6.40 -1.31 -0.63
#